data_3F8E
#
_entry.id   3F8E
#
_cell.length_a   42.170
_cell.length_b   41.600
_cell.length_c   72.230
_cell.angle_alpha   90.00
_cell.angle_beta   104.62
_cell.angle_gamma   90.00
#
_symmetry.space_group_name_H-M   'P 1 21 1'
#
loop_
_entity.id
_entity.type
_entity.pdbx_description
1 polymer 'Carbonic anhydrase 2'
2 non-polymer 'ZINC ION'
3 non-polymer 'MERCURY (II) ION'
4 non-polymer '(2Z)-3-{2-hydroxy-5-[(1S)-1-hydroxy-3-methylbutyl]-4-methoxyphenyl}prop-2-enoic acid'
5 non-polymer 'BENZOIC ACID'
6 water water
#
_entity_poly.entity_id   1
_entity_poly.type   'polypeptide(L)'
_entity_poly.pdbx_seq_one_letter_code
;MSHHWGYGKHNGPEHWHKDFPIAKGERQSPVDIDTHTAKYDPSLKPLSVSYDQATSLRILNNGHAFNVEFDDSQDKAVLK
GGPLDGTYRLIQFHFHWGSLDGQGSEHTVDKKKYAAELHLVHWNTKYGDFGKAVQQPDGLAVLGIFLKVGSAKPGLQKVV
DVLDSIKTKGKSADFTNFDPRGLLPESLDYWTYPGSLTTPPLLECVTWIVLKEPISVSSEQVLKFRKLNFNGEGEPEELM
VDNWRPAQPLKNRQIKASFK
;
_entity_poly.pdbx_strand_id   A
#
loop_
_chem_comp.id
_chem_comp.type
_chem_comp.name
_chem_comp.formula
BEZ non-polymer 'BENZOIC ACID' 'C7 H6 O2'
HG non-polymer 'MERCURY (II) ION' 'Hg 2'
TE1 non-polymer '(2Z)-3-{2-hydroxy-5-[(1S)-1-hydroxy-3-methylbutyl]-4-methoxyphenyl}prop-2-enoic acid' 'C15 H20 O5'
ZN non-polymer 'ZINC ION' 'Zn 2'
#
# COMPACT_ATOMS: atom_id res chain seq x y z
N HIS A 4 -3.11 -16.45 -14.47
CA HIS A 4 -3.34 -15.94 -13.08
C HIS A 4 -3.51 -14.42 -13.08
N TRP A 5 -4.10 -13.90 -11.99
CA TRP A 5 -4.50 -12.49 -11.91
C TRP A 5 -3.34 -11.55 -12.18
N GLY A 6 -3.64 -10.44 -12.85
CA GLY A 6 -2.67 -9.38 -13.08
C GLY A 6 -3.38 -8.05 -13.24
N TYR A 7 -2.86 -7.20 -14.13
CA TYR A 7 -3.45 -5.88 -14.35
C TYR A 7 -3.76 -5.59 -15.82
N GLY A 8 -3.51 -6.58 -16.67
CA GLY A 8 -3.72 -6.46 -18.12
C GLY A 8 -5.16 -6.68 -18.55
N LYS A 9 -5.41 -6.52 -19.86
CA LYS A 9 -6.77 -6.65 -20.43
C LYS A 9 -7.45 -7.96 -20.05
N HIS A 10 -6.67 -9.04 -20.00
CA HIS A 10 -7.25 -10.38 -19.88
C HIS A 10 -7.28 -10.97 -18.46
N ASN A 11 -6.56 -10.34 -17.52
CA ASN A 11 -6.46 -10.85 -16.15
C ASN A 11 -6.54 -9.76 -15.07
N GLY A 12 -7.02 -8.58 -15.48
CA GLY A 12 -7.00 -7.39 -14.64
C GLY A 12 -8.19 -7.30 -13.69
N PRO A 13 -8.29 -6.19 -12.93
CA PRO A 13 -9.34 -5.94 -11.95
C PRO A 13 -10.77 -6.34 -12.35
N GLU A 14 -11.15 -6.17 -13.62
CA GLU A 14 -12.48 -6.56 -14.09
C GLU A 14 -12.67 -8.07 -14.14
N HIS A 15 -11.58 -8.82 -14.03
CA HIS A 15 -11.62 -10.27 -14.14
C HIS A 15 -11.55 -10.96 -12.79
N TRP A 16 -11.01 -10.26 -11.78
CA TRP A 16 -10.70 -10.85 -10.46
C TRP A 16 -11.87 -11.54 -9.75
N HIS A 17 -13.07 -11.00 -9.94
CA HIS A 17 -14.26 -11.57 -9.31
C HIS A 17 -14.48 -13.07 -9.60
N LYS A 18 -14.07 -13.54 -10.78
CA LYS A 18 -14.28 -14.94 -11.14
C LYS A 18 -13.57 -15.92 -10.20
N ASP A 19 -12.30 -15.65 -9.89
CA ASP A 19 -11.56 -16.45 -8.91
C ASP A 19 -11.72 -16.01 -7.47
N PHE A 20 -12.03 -14.73 -7.27
CA PHE A 20 -12.18 -14.14 -5.93
C PHE A 20 -13.50 -13.35 -5.86
N PRO A 21 -14.62 -14.06 -5.61
CA PRO A 21 -15.97 -13.49 -5.61
C PRO A 21 -16.12 -12.27 -4.71
N ILE A 22 -15.31 -12.23 -3.64
CA ILE A 22 -15.34 -11.10 -2.70
C ILE A 22 -14.96 -9.77 -3.37
N ALA A 23 -14.46 -9.86 -4.61
CA ALA A 23 -14.16 -8.65 -5.39
C ALA A 23 -15.39 -7.74 -5.55
N LYS A 24 -16.58 -8.32 -5.40
CA LYS A 24 -17.84 -7.60 -5.51
CA LYS A 24 -17.81 -7.53 -5.49
C LYS A 24 -18.47 -7.42 -4.13
N GLY A 25 -17.65 -7.56 -3.08
CA GLY A 25 -18.10 -7.58 -1.70
C GLY A 25 -18.53 -6.24 -1.12
N GLU A 26 -18.78 -6.25 0.19
CA GLU A 26 -19.34 -5.07 0.88
C GLU A 26 -18.30 -4.10 1.45
N ARG A 27 -17.05 -4.53 1.56
CA ARG A 27 -15.99 -3.63 2.07
C ARG A 27 -14.69 -3.73 1.27
N GLN A 28 -14.84 -3.58 -0.04
CA GLN A 28 -13.69 -3.55 -0.95
C GLN A 28 -12.96 -2.22 -1.00
N SER A 29 -11.67 -2.32 -1.30
CA SER A 29 -10.77 -1.21 -1.47
C SER A 29 -10.08 -1.32 -2.85
N PRO A 30 -9.59 -0.20 -3.37
CA PRO A 30 -9.61 1.14 -2.76
C PRO A 30 -10.96 1.84 -3.01
N VAL A 31 -11.10 3.06 -2.49
CA VAL A 31 -12.32 3.86 -2.69
C VAL A 31 -11.94 5.31 -3.00
N ASP A 32 -12.87 6.06 -3.58
CA ASP A 32 -12.70 7.49 -3.71
C ASP A 32 -13.03 8.12 -2.36
N ILE A 33 -12.20 9.08 -1.95
CA ILE A 33 -12.39 9.81 -0.71
C ILE A 33 -13.04 11.12 -1.07
N ASP A 34 -14.35 11.19 -0.84
CA ASP A 34 -15.07 12.46 -1.04
C ASP A 34 -14.87 13.31 0.21
N THR A 35 -13.98 14.30 0.10
CA THR A 35 -13.60 15.17 1.21
C THR A 35 -14.77 15.97 1.79
N HIS A 36 -15.87 16.07 1.05
CA HIS A 36 -17.05 16.82 1.51
C HIS A 36 -18.09 15.91 2.15
N THR A 37 -17.86 14.60 2.10
CA THR A 37 -18.74 13.63 2.74
C THR A 37 -18.05 13.04 3.99
N ALA A 38 -16.72 13.02 4.00
CA ALA A 38 -15.95 12.53 5.17
C ALA A 38 -16.17 13.45 6.37
N LYS A 39 -16.37 12.89 7.56
CA LYS A 39 -16.66 13.70 8.74
C LYS A 39 -15.55 13.66 9.77
N TYR A 40 -15.16 14.83 10.28
CA TYR A 40 -14.22 14.89 11.39
C TYR A 40 -14.76 14.06 12.54
N ASP A 41 -13.90 13.21 13.10
CA ASP A 41 -14.27 12.30 14.19
C ASP A 41 -13.48 12.67 15.45
N PRO A 42 -14.15 13.36 16.39
CA PRO A 42 -13.51 13.82 17.63
C PRO A 42 -13.04 12.67 18.54
N SER A 43 -13.63 11.49 18.33
CA SER A 43 -13.35 10.32 19.17
C SER A 43 -12.08 9.55 18.77
N LEU A 44 -11.45 9.96 17.67
CA LEU A 44 -10.22 9.30 17.23
C LEU A 44 -9.06 9.77 18.10
N LYS A 45 -8.36 8.80 18.68
CA LYS A 45 -7.14 9.04 19.46
C LYS A 45 -6.00 9.48 18.54
N PRO A 46 -4.91 10.06 19.07
CA PRO A 46 -3.84 10.37 18.11
C PRO A 46 -3.22 9.11 17.47
N LEU A 47 -2.76 9.24 16.24
CA LEU A 47 -2.08 8.15 15.53
C LEU A 47 -0.67 8.04 16.07
N SER A 48 -0.23 6.81 16.30
CA SER A 48 1.14 6.55 16.74
C SER A 48 1.78 5.60 15.75
N VAL A 49 2.81 6.11 15.08
CA VAL A 49 3.59 5.37 14.11
C VAL A 49 4.99 5.22 14.68
N SER A 50 5.32 4.04 15.19
CA SER A 50 6.61 3.83 15.85
C SER A 50 7.54 2.98 15.00
N TYR A 51 8.29 3.63 14.13
CA TYR A 51 9.14 2.90 13.17
C TYR A 51 10.63 2.99 13.50
N ASP A 52 10.95 3.31 14.75
CA ASP A 52 12.36 3.51 15.16
C ASP A 52 13.22 2.22 15.21
N GLN A 53 12.62 1.13 15.69
CA GLN A 53 13.30 -0.17 15.78
C GLN A 53 12.97 -1.13 14.63
N ALA A 54 12.43 -0.60 13.53
CA ALA A 54 12.06 -1.40 12.37
C ALA A 54 13.25 -2.17 11.78
N THR A 55 13.01 -3.43 11.41
CA THR A 55 14.05 -4.24 10.81
C THR A 55 13.61 -4.80 9.45
N SER A 56 14.05 -4.15 8.38
CA SER A 56 13.88 -4.68 7.04
C SER A 56 14.81 -5.89 6.84
N LEU A 57 14.35 -6.84 6.04
CA LEU A 57 15.11 -8.05 5.76
C LEU A 57 15.47 -8.15 4.28
N ARG A 58 14.47 -8.00 3.42
CA ARG A 58 14.69 -8.06 1.98
C ARG A 58 13.62 -7.43 1.09
N ILE A 59 13.95 -7.33 -0.20
CA ILE A 59 13.09 -6.76 -1.21
C ILE A 59 12.84 -7.79 -2.33
N LEU A 60 11.56 -7.96 -2.66
CA LEU A 60 11.13 -8.99 -3.57
C LEU A 60 10.23 -8.41 -4.67
N ASN A 61 10.59 -8.70 -5.93
CA ASN A 61 9.66 -8.57 -7.05
C ASN A 61 8.77 -9.82 -7.06
N ASN A 62 7.48 -9.61 -6.79
CA ASN A 62 6.55 -10.74 -6.71
C ASN A 62 5.70 -10.91 -7.95
N GLY A 63 6.08 -10.22 -9.03
CA GLY A 63 5.39 -10.31 -10.31
C GLY A 63 4.22 -9.36 -10.48
N HIS A 64 3.91 -8.59 -9.44
CA HIS A 64 2.88 -7.55 -9.52
C HIS A 64 3.33 -6.21 -8.88
N ALA A 65 4.19 -6.30 -7.87
CA ALA A 65 4.84 -5.14 -7.28
C ALA A 65 6.13 -5.61 -6.63
N PHE A 66 6.76 -4.75 -5.83
CA PHE A 66 7.86 -5.19 -4.97
C PHE A 66 7.52 -4.98 -3.51
N ASN A 67 7.81 -6.00 -2.71
CA ASN A 67 7.60 -5.93 -1.27
C ASN A 67 8.94 -5.76 -0.56
N VAL A 68 9.02 -4.74 0.30
CA VAL A 68 10.09 -4.63 1.27
C VAL A 68 9.54 -5.29 2.52
N GLU A 69 10.19 -6.35 2.95
CA GLU A 69 9.71 -7.18 4.06
C GLU A 69 10.48 -6.92 5.33
N PHE A 70 9.75 -6.97 6.44
CA PHE A 70 10.28 -6.69 7.76
C PHE A 70 10.23 -7.93 8.66
N ASP A 71 11.16 -8.00 9.60
CA ASP A 71 11.17 -9.01 10.64
C ASP A 71 10.11 -8.65 11.67
N ASP A 72 8.98 -9.37 11.65
CA ASP A 72 7.84 -9.08 12.52
C ASP A 72 7.66 -10.10 13.65
N SER A 73 8.72 -10.86 13.92
CA SER A 73 8.76 -11.88 14.98
C SER A 73 8.88 -11.27 16.37
N GLN A 74 8.88 -9.94 16.42
CA GLN A 74 8.95 -9.17 17.67
C GLN A 74 8.33 -7.79 17.47
N ASP A 75 7.82 -7.22 18.56
CA ASP A 75 7.23 -5.87 18.56
C ASP A 75 8.29 -4.81 18.33
N LYS A 76 8.45 -4.44 17.07
CA LYS A 76 9.41 -3.42 16.66
C LYS A 76 8.64 -2.26 16.02
N ALA A 77 8.52 -2.26 14.69
CA ALA A 77 7.75 -1.24 13.97
C ALA A 77 6.26 -1.45 14.18
N VAL A 78 5.61 -0.55 14.92
CA VAL A 78 4.17 -0.71 15.21
C VAL A 78 3.28 0.52 14.93
N LEU A 79 2.07 0.24 14.45
CA LEU A 79 1.01 1.24 14.32
C LEU A 79 -0.02 1.04 15.43
N LYS A 80 -0.31 2.11 16.15
CA LYS A 80 -1.44 2.11 17.08
C LYS A 80 -2.10 3.48 17.16
N GLY A 81 -3.15 3.59 17.99
CA GLY A 81 -3.89 4.83 18.09
C GLY A 81 -4.78 5.04 16.89
N GLY A 82 -5.25 6.27 16.70
CA GLY A 82 -6.22 6.56 15.65
C GLY A 82 -7.49 5.72 15.82
N PRO A 83 -7.91 5.03 14.75
CA PRO A 83 -9.12 4.22 14.83
C PRO A 83 -8.82 2.82 15.35
N LEU A 84 -7.54 2.52 15.57
CA LEU A 84 -7.07 1.18 15.91
C LEU A 84 -7.16 0.91 17.39
N ASP A 85 -7.55 -0.32 17.71
CA ASP A 85 -7.41 -0.81 19.07
C ASP A 85 -6.31 -1.85 19.14
N GLY A 86 -5.47 -1.68 20.15
CA GLY A 86 -4.29 -2.52 20.33
C GLY A 86 -3.15 -2.16 19.39
N THR A 87 -2.32 -3.15 19.12
CA THR A 87 -1.07 -2.93 18.41
C THR A 87 -1.04 -3.74 17.10
N TYR A 88 -0.64 -3.08 16.03
CA TYR A 88 -0.49 -3.72 14.72
C TYR A 88 0.97 -3.64 14.28
N ARG A 89 1.51 -4.79 13.88
CA ARG A 89 2.92 -4.93 13.52
C ARG A 89 3.22 -4.81 12.05
N LEU A 90 4.20 -3.99 11.71
CA LEU A 90 4.60 -3.83 10.31
C LEU A 90 5.17 -5.12 9.74
N ILE A 91 4.62 -5.58 8.63
CA ILE A 91 5.14 -6.79 7.99
C ILE A 91 5.84 -6.54 6.65
N GLN A 92 5.30 -5.62 5.86
CA GLN A 92 5.90 -5.26 4.58
C GLN A 92 5.36 -3.92 4.12
N PHE A 93 6.08 -3.31 3.19
CA PHE A 93 5.50 -2.24 2.41
C PHE A 93 5.67 -2.48 0.91
N HIS A 94 4.78 -1.87 0.12
CA HIS A 94 4.86 -1.90 -1.32
C HIS A 94 4.19 -0.64 -1.86
N PHE A 95 4.26 -0.48 -3.18
CA PHE A 95 3.64 0.64 -3.86
C PHE A 95 2.74 0.15 -4.98
N HIS A 96 1.88 1.05 -5.44
CA HIS A 96 1.14 0.91 -6.69
C HIS A 96 1.46 2.19 -7.49
N TRP A 97 1.73 2.07 -8.78
CA TRP A 97 2.11 3.25 -9.58
C TRP A 97 1.60 3.16 -11.02
N GLY A 98 1.66 4.28 -11.73
CA GLY A 98 1.12 4.34 -13.08
C GLY A 98 2.17 4.34 -14.18
N SER A 99 1.71 4.35 -15.42
CA SER A 99 2.61 4.47 -16.58
C SER A 99 2.94 5.93 -16.86
N LEU A 100 2.17 6.83 -16.24
CA LEU A 100 2.25 8.29 -16.45
C LEU A 100 1.92 8.94 -15.12
N ASP A 101 2.37 10.17 -14.88
CA ASP A 101 2.17 10.84 -13.59
C ASP A 101 0.69 11.07 -13.21
N GLY A 102 -0.21 11.06 -14.19
CA GLY A 102 -1.62 11.34 -13.94
C GLY A 102 -2.46 10.18 -13.43
N GLN A 103 -1.84 9.01 -13.30
CA GLN A 103 -2.49 7.85 -12.68
C GLN A 103 -1.47 7.02 -11.90
N GLY A 104 -1.96 6.13 -11.03
CA GLY A 104 -1.10 5.29 -10.20
C GLY A 104 -1.59 4.96 -8.80
N SER A 105 -2.21 5.94 -8.13
CA SER A 105 -2.79 5.71 -6.80
C SER A 105 -4.02 4.83 -6.88
N GLU A 106 -4.30 4.16 -5.78
CA GLU A 106 -5.48 3.31 -5.66
C GLU A 106 -6.64 4.12 -5.09
N HIS A 107 -6.43 4.66 -3.89
CA HIS A 107 -7.34 5.66 -3.35
C HIS A 107 -7.26 6.95 -4.16
N THR A 108 -8.40 7.62 -4.30
CA THR A 108 -8.44 8.92 -4.94
C THR A 108 -9.08 9.94 -4.02
N VAL A 109 -8.73 11.22 -4.20
CA VAL A 109 -9.26 12.26 -3.33
C VAL A 109 -10.04 13.24 -4.19
N ASP A 110 -11.35 13.33 -3.94
CA ASP A 110 -12.28 14.02 -4.83
C ASP A 110 -12.00 13.70 -6.28
N LYS A 111 -11.91 12.38 -6.54
CA LYS A 111 -11.58 11.81 -7.87
C LYS A 111 -10.16 12.05 -8.37
N LYS A 112 -9.33 12.76 -7.60
CA LYS A 112 -7.93 13.00 -8.01
C LYS A 112 -7.05 11.75 -7.84
N LYS A 113 -6.42 11.34 -8.94
CA LYS A 113 -5.41 10.27 -8.91
C LYS A 113 -4.02 10.85 -8.73
N TYR A 114 -3.27 10.32 -7.76
CA TYR A 114 -1.85 10.63 -7.59
C TYR A 114 -0.98 9.73 -8.46
N ALA A 115 0.30 10.08 -8.57
CA ALA A 115 1.24 9.33 -9.42
C ALA A 115 1.53 7.93 -8.87
N ALA A 116 1.43 7.78 -7.55
CA ALA A 116 1.66 6.49 -6.93
C ALA A 116 1.03 6.46 -5.55
N GLU A 117 1.02 5.27 -4.94
CA GLU A 117 0.56 5.10 -3.56
C GLU A 117 1.35 4.03 -2.82
N LEU A 118 1.82 4.39 -1.62
CA LEU A 118 2.54 3.51 -0.71
C LEU A 118 1.58 2.90 0.33
N HIS A 119 1.69 1.58 0.50
CA HIS A 119 0.96 0.79 1.47
C HIS A 119 1.93 0.11 2.43
N LEU A 120 1.85 0.51 3.69
CA LEU A 120 2.59 -0.12 4.76
C LEU A 120 1.59 -1.03 5.50
N VAL A 121 1.86 -2.33 5.44
CA VAL A 121 0.88 -3.34 5.86
C VAL A 121 1.26 -3.81 7.25
N HIS A 122 0.28 -3.82 8.15
CA HIS A 122 0.45 -4.21 9.55
C HIS A 122 -0.62 -5.20 9.95
N TRP A 123 -0.24 -6.15 10.79
CA TRP A 123 -1.21 -7.11 11.34
C TRP A 123 -1.36 -7.01 12.87
N ASN A 124 -2.61 -7.18 13.29
CA ASN A 124 -3.04 -7.10 14.70
C ASN A 124 -2.39 -8.21 15.57
N THR A 125 -1.60 -7.79 16.52
CA THR A 125 -0.88 -8.67 17.39
C THR A 125 -1.79 -9.51 18.32
N LYS A 126 -3.00 -9.25 18.47
CA LYS A 126 -3.83 -10.11 19.26
C LYS A 126 -4.12 -11.45 18.61
N TYR A 127 -3.88 -11.52 17.31
CA TYR A 127 -4.10 -12.72 16.46
C TYR A 127 -2.88 -13.59 16.21
N GLY A 128 -1.73 -13.22 16.78
CA GLY A 128 -0.57 -14.12 16.83
C GLY A 128 0.33 -14.16 15.60
N ASP A 129 -0.28 -14.31 14.42
CA ASP A 129 0.46 -14.24 13.15
C ASP A 129 -0.38 -13.59 12.05
N PHE A 130 0.29 -13.20 10.96
CA PHE A 130 -0.38 -12.60 9.80
C PHE A 130 -1.51 -13.47 9.26
N GLY A 131 -1.25 -14.78 9.16
CA GLY A 131 -2.20 -15.72 8.57
C GLY A 131 -3.50 -15.84 9.31
N LYS A 132 -3.42 -15.81 10.64
CA LYS A 132 -4.60 -15.76 11.48
C LYS A 132 -5.28 -14.39 11.46
N ALA A 133 -4.49 -13.33 11.36
CA ALA A 133 -5.04 -11.97 11.27
C ALA A 133 -5.97 -11.80 10.07
N VAL A 134 -5.60 -12.38 8.94
CA VAL A 134 -6.40 -12.26 7.71
C VAL A 134 -7.64 -13.17 7.67
N GLN A 135 -8.05 -13.61 8.84
CA GLN A 135 -9.30 -14.33 8.99
C GLN A 135 -10.23 -13.53 9.88
N GLN A 136 -9.79 -12.29 10.21
CA GLN A 136 -10.54 -11.39 11.12
C GLN A 136 -10.89 -10.04 10.49
N PRO A 137 -12.05 -9.48 10.84
CA PRO A 137 -12.45 -8.18 10.28
C PRO A 137 -11.54 -7.01 10.73
N ASP A 138 -10.81 -7.19 11.82
CA ASP A 138 -9.89 -6.15 12.31
C ASP A 138 -8.45 -6.67 12.39
N GLY A 139 -8.12 -7.59 11.48
CA GLY A 139 -6.81 -8.24 11.47
C GLY A 139 -5.68 -7.40 10.95
N LEU A 140 -6.01 -6.46 10.06
CA LEU A 140 -4.99 -5.65 9.39
C LEU A 140 -5.24 -4.15 9.50
N ALA A 141 -4.14 -3.39 9.53
CA ALA A 141 -4.19 -1.94 9.35
C ALA A 141 -3.20 -1.57 8.28
N VAL A 142 -3.66 -0.86 7.25
CA VAL A 142 -2.75 -0.38 6.22
C VAL A 142 -2.65 1.15 6.26
N LEU A 143 -1.41 1.64 6.34
CA LEU A 143 -1.09 3.04 6.22
C LEU A 143 -0.91 3.36 4.74
N GLY A 144 -1.76 4.22 4.20
CA GLY A 144 -1.68 4.60 2.79
C GLY A 144 -1.16 6.01 2.63
N ILE A 145 -0.14 6.16 1.79
CA ILE A 145 0.54 7.44 1.58
C ILE A 145 0.62 7.69 0.09
N PHE A 146 0.10 8.85 -0.32
CA PHE A 146 0.12 9.25 -1.73
C PHE A 146 1.49 9.75 -2.16
N LEU A 147 1.85 9.45 -3.40
CA LEU A 147 3.06 10.01 -4.00
C LEU A 147 2.69 10.96 -5.14
N LYS A 148 3.28 12.16 -5.13
CA LYS A 148 3.24 13.05 -6.27
C LYS A 148 4.66 13.30 -6.76
N VAL A 149 4.76 13.70 -8.02
CA VAL A 149 6.04 13.98 -8.65
C VAL A 149 6.45 15.45 -8.50
N GLY A 150 7.60 15.66 -7.89
CA GLY A 150 8.20 16.99 -7.78
C GLY A 150 9.63 16.81 -7.33
N SER A 151 9.93 17.27 -6.12
CA SER A 151 11.27 17.10 -5.54
CA SER A 151 11.26 17.10 -5.52
C SER A 151 11.49 15.65 -5.11
N ALA A 152 12.73 15.19 -5.25
CA ALA A 152 13.13 13.85 -4.81
C ALA A 152 12.84 13.59 -3.33
N LYS A 153 12.53 12.33 -3.01
CA LYS A 153 12.37 11.90 -1.64
C LYS A 153 13.64 11.15 -1.19
N PRO A 154 14.47 11.77 -0.33
CA PRO A 154 15.76 11.17 -0.02
C PRO A 154 15.61 9.79 0.61
N GLY A 155 14.66 9.64 1.53
CA GLY A 155 14.39 8.37 2.20
C GLY A 155 13.89 7.24 1.31
N LEU A 156 13.55 7.56 0.06
CA LEU A 156 13.16 6.55 -0.94
C LEU A 156 14.32 6.07 -1.80
N GLN A 157 15.45 6.77 -1.80
CA GLN A 157 16.51 6.51 -2.79
C GLN A 157 17.18 5.13 -2.64
N LYS A 158 17.29 4.60 -1.42
CA LYS A 158 17.83 3.25 -1.19
C LYS A 158 16.98 2.16 -1.87
N VAL A 159 15.65 2.35 -1.88
CA VAL A 159 14.75 1.45 -2.57
C VAL A 159 14.96 1.57 -4.09
N VAL A 160 15.01 2.80 -4.56
CA VAL A 160 15.14 3.12 -5.97
C VAL A 160 16.40 2.47 -6.56
N ASP A 161 17.53 2.60 -5.89
CA ASP A 161 18.81 2.08 -6.39
C ASP A 161 18.91 0.54 -6.40
N VAL A 162 18.10 -0.14 -5.59
CA VAL A 162 18.12 -1.59 -5.51
C VAL A 162 17.25 -2.28 -6.57
N LEU A 163 16.37 -1.51 -7.22
CA LEU A 163 15.40 -2.05 -8.18
C LEU A 163 16.05 -2.76 -9.39
N ASP A 164 17.26 -2.32 -9.73
CA ASP A 164 18.04 -2.95 -10.81
C ASP A 164 18.27 -4.43 -10.58
N SER A 165 18.47 -4.79 -9.31
CA SER A 165 18.77 -6.14 -8.87
CA SER A 165 18.78 -6.15 -8.90
C SER A 165 17.53 -7.04 -8.80
N ILE A 166 16.35 -6.42 -8.81
CA ILE A 166 15.10 -7.18 -8.75
C ILE A 166 14.15 -6.90 -9.93
N LYS A 167 14.70 -6.87 -11.14
CA LYS A 167 13.95 -6.46 -12.34
C LYS A 167 12.75 -7.37 -12.65
N THR A 168 12.95 -8.67 -12.51
CA THR A 168 11.96 -9.63 -12.97
C THR A 168 11.31 -10.38 -11.81
N LYS A 169 10.11 -10.87 -12.09
CA LYS A 169 9.32 -11.68 -11.17
C LYS A 169 10.19 -12.72 -10.48
N GLY A 170 10.14 -12.72 -9.15
CA GLY A 170 10.77 -13.76 -8.34
C GLY A 170 12.16 -13.42 -7.84
N LYS A 171 12.76 -12.36 -8.37
CA LYS A 171 14.05 -11.87 -7.88
C LYS A 171 13.87 -11.19 -6.53
N SER A 172 14.82 -11.39 -5.65
CA SER A 172 14.86 -10.69 -4.37
C SER A 172 16.29 -10.22 -4.08
N ALA A 173 16.42 -9.29 -3.14
CA ALA A 173 17.73 -8.87 -2.69
C ALA A 173 17.72 -8.55 -1.20
N ASP A 174 18.84 -8.79 -0.53
CA ASP A 174 19.01 -8.38 0.86
C ASP A 174 18.75 -6.88 0.95
N PHE A 175 17.91 -6.48 1.90
CA PHE A 175 17.55 -5.09 2.03
C PHE A 175 17.38 -4.82 3.53
N THR A 176 18.47 -4.98 4.28
CA THR A 176 18.49 -4.75 5.72
C THR A 176 18.71 -3.28 6.04
N ASN A 177 18.29 -2.89 7.25
CA ASN A 177 18.56 -1.56 7.80
C ASN A 177 17.87 -0.41 7.04
N PHE A 178 16.79 -0.71 6.32
CA PHE A 178 15.98 0.37 5.73
C PHE A 178 15.01 0.96 6.76
N ASP A 179 15.01 2.29 6.85
CA ASP A 179 14.19 3.02 7.80
C ASP A 179 12.97 3.62 7.10
N PRO A 180 11.76 3.07 7.38
CA PRO A 180 10.53 3.55 6.74
C PRO A 180 10.06 4.93 7.23
N ARG A 181 10.65 5.45 8.31
CA ARG A 181 10.38 6.82 8.72
C ARG A 181 10.72 7.84 7.64
N GLY A 182 11.59 7.46 6.71
CA GLY A 182 12.06 8.34 5.63
C GLY A 182 11.06 8.49 4.51
N LEU A 183 9.95 7.75 4.62
CA LEU A 183 8.91 7.76 3.61
C LEU A 183 7.65 8.49 4.07
N LEU A 184 7.65 8.95 5.32
CA LEU A 184 6.46 9.56 5.90
C LEU A 184 6.40 11.05 5.59
N PRO A 185 5.17 11.58 5.33
CA PRO A 185 5.09 13.02 5.16
C PRO A 185 5.17 13.65 6.53
N GLU A 186 5.27 14.98 6.56
CA GLU A 186 5.37 15.73 7.80
C GLU A 186 4.11 15.58 8.69
N SER A 187 2.92 15.84 8.13
CA SER A 187 1.67 15.70 8.86
C SER A 187 1.10 14.27 8.83
N LEU A 188 0.45 13.89 9.93
CA LEU A 188 -0.23 12.61 10.07
C LEU A 188 -1.78 12.69 10.00
N ASP A 189 -2.32 13.83 9.59
CA ASP A 189 -3.76 13.91 9.30
C ASP A 189 -4.10 12.80 8.29
N TYR A 190 -5.24 12.14 8.52
CA TYR A 190 -5.64 11.00 7.71
C TYR A 190 -7.16 10.87 7.58
N TRP A 191 -7.57 10.10 6.58
CA TRP A 191 -8.91 9.56 6.50
C TRP A 191 -8.84 8.09 6.88
N THR A 192 -9.96 7.55 7.37
CA THR A 192 -10.01 6.14 7.77
C THR A 192 -11.37 5.53 7.49
N TYR A 193 -11.34 4.32 6.95
CA TYR A 193 -12.56 3.55 6.69
C TYR A 193 -12.22 2.05 6.78
N PRO A 194 -13.25 1.19 6.97
CA PRO A 194 -12.99 -0.26 6.92
C PRO A 194 -12.99 -0.75 5.48
N GLY A 195 -12.00 -1.55 5.11
CA GLY A 195 -11.86 -2.01 3.73
C GLY A 195 -11.10 -3.32 3.59
N SER A 196 -10.43 -3.47 2.46
CA SER A 196 -9.81 -4.74 2.06
C SER A 196 -8.40 -4.53 1.57
N LEU A 197 -7.65 -5.62 1.42
CA LEU A 197 -6.46 -5.58 0.58
C LEU A 197 -6.90 -5.36 -0.87
N THR A 198 -6.04 -4.72 -1.66
CA THR A 198 -6.43 -4.31 -3.00
C THR A 198 -5.90 -5.23 -4.08
N THR A 199 -5.25 -6.32 -3.65
CA THR A 199 -4.84 -7.40 -4.54
C THR A 199 -5.52 -8.70 -4.12
N PRO A 200 -5.77 -9.61 -5.07
CA PRO A 200 -6.29 -10.90 -4.65
C PRO A 200 -5.41 -11.59 -3.60
N PRO A 201 -6.02 -12.29 -2.63
CA PRO A 201 -7.44 -12.62 -2.52
C PRO A 201 -8.39 -11.52 -1.99
N LEU A 202 -7.94 -10.25 -1.95
CA LEU A 202 -8.79 -9.10 -1.62
C LEU A 202 -9.55 -9.25 -0.29
N LEU A 203 -8.84 -9.72 0.73
CA LEU A 203 -9.51 -10.05 1.99
C LEU A 203 -9.98 -8.80 2.72
N GLU A 204 -11.20 -8.85 3.23
CA GLU A 204 -11.80 -7.70 3.89
C GLU A 204 -11.43 -7.67 5.37
N CYS A 205 -10.16 -7.37 5.63
CA CYS A 205 -9.56 -7.47 6.96
CA CYS A 205 -9.63 -7.49 6.97
C CYS A 205 -8.96 -6.17 7.42
N VAL A 206 -9.06 -5.13 6.58
CA VAL A 206 -8.26 -3.91 6.73
C VAL A 206 -8.95 -2.67 7.31
N THR A 207 -8.32 -2.08 8.31
CA THR A 207 -8.62 -0.71 8.71
C THR A 207 -7.69 0.18 7.91
N TRP A 208 -8.25 0.92 6.97
CA TRP A 208 -7.45 1.80 6.13
C TRP A 208 -7.19 3.11 6.85
N ILE A 209 -5.94 3.54 6.82
CA ILE A 209 -5.55 4.83 7.33
C ILE A 209 -4.80 5.49 6.18
N VAL A 210 -5.45 6.44 5.53
CA VAL A 210 -4.88 7.10 4.36
C VAL A 210 -4.50 8.53 4.71
N LEU A 211 -3.19 8.81 4.65
CA LEU A 211 -2.68 10.16 4.93
C LEU A 211 -3.09 11.20 3.88
N LYS A 212 -3.45 12.38 4.37
CA LYS A 212 -3.91 13.49 3.54
C LYS A 212 -2.75 14.12 2.78
N GLU A 213 -1.60 14.23 3.45
CA GLU A 213 -0.44 14.88 2.87
C GLU A 213 0.39 13.90 2.05
N PRO A 214 0.52 14.17 0.73
CA PRO A 214 1.35 13.33 -0.10
C PRO A 214 2.84 13.59 0.16
N ILE A 215 3.66 12.61 -0.16
CA ILE A 215 5.10 12.84 -0.28
C ILE A 215 5.41 13.19 -1.75
N SER A 216 6.49 13.91 -1.96
CA SER A 216 6.99 14.16 -3.30
C SER A 216 8.13 13.20 -3.59
N VAL A 217 8.11 12.61 -4.77
CA VAL A 217 9.24 11.86 -5.28
C VAL A 217 9.61 12.51 -6.61
N SER A 218 10.86 12.36 -7.02
CA SER A 218 11.30 12.95 -8.29
C SER A 218 10.83 12.12 -9.48
N SER A 219 10.79 12.77 -10.65
CA SER A 219 10.46 12.08 -11.87
C SER A 219 11.45 10.92 -12.12
N GLU A 220 12.72 11.18 -11.84
CA GLU A 220 13.78 10.18 -12.00
C GLU A 220 13.51 8.94 -11.12
N GLN A 221 13.02 9.19 -9.90
CA GLN A 221 12.65 8.11 -8.96
C GLN A 221 11.46 7.24 -9.45
N VAL A 222 10.38 7.88 -9.92
CA VAL A 222 9.21 7.13 -10.42
C VAL A 222 9.54 6.39 -11.71
N LEU A 223 10.38 7.01 -12.55
CA LEU A 223 10.79 6.38 -13.80
C LEU A 223 11.49 5.03 -13.55
N LYS A 224 12.29 4.96 -12.50
CA LYS A 224 12.96 3.71 -12.15
C LYS A 224 11.98 2.62 -11.66
N PHE A 225 10.92 3.02 -10.94
CA PHE A 225 9.78 2.12 -10.62
C PHE A 225 9.24 1.47 -11.90
N ARG A 226 9.09 2.28 -12.94
CA ARG A 226 8.53 1.90 -14.25
C ARG A 226 9.42 1.02 -15.14
N LYS A 227 10.67 0.86 -14.77
CA LYS A 227 11.60 -0.04 -15.47
C LYS A 227 11.55 -1.50 -14.98
N LEU A 228 10.85 -1.71 -13.86
CA LEU A 228 10.59 -3.04 -13.32
CA LEU A 228 10.63 -3.06 -13.33
C LEU A 228 9.80 -3.88 -14.32
N ASN A 229 9.83 -5.21 -14.14
CA ASN A 229 9.12 -6.13 -15.01
C ASN A 229 8.08 -6.96 -14.25
N PHE A 230 6.91 -7.13 -14.87
CA PHE A 230 5.89 -8.09 -14.46
C PHE A 230 6.36 -9.54 -14.73
N ASN A 231 7.00 -9.75 -15.89
CA ASN A 231 7.46 -11.07 -16.31
C ASN A 231 8.67 -11.60 -15.52
N GLY A 232 8.90 -12.92 -15.60
CA GLY A 232 10.10 -13.52 -15.03
C GLY A 232 11.28 -13.39 -15.96
N GLU A 233 12.47 -13.67 -15.44
CA GLU A 233 13.72 -13.55 -16.20
C GLU A 233 13.69 -14.31 -17.53
N GLY A 234 14.02 -13.61 -18.61
CA GLY A 234 14.12 -14.21 -19.95
C GLY A 234 12.80 -14.45 -20.64
N GLU A 235 11.75 -13.76 -20.19
CA GLU A 235 10.45 -13.80 -20.85
C GLU A 235 10.25 -12.47 -21.56
N PRO A 236 9.27 -12.39 -22.50
CA PRO A 236 9.02 -11.11 -23.15
C PRO A 236 8.81 -10.03 -22.09
N GLU A 237 9.36 -8.84 -22.33
CA GLU A 237 9.30 -7.77 -21.36
C GLU A 237 7.93 -7.09 -21.30
N GLU A 238 7.33 -7.17 -20.11
CA GLU A 238 6.09 -6.50 -19.78
C GLU A 238 6.47 -5.54 -18.65
N LEU A 239 6.47 -4.24 -18.94
CA LEU A 239 6.86 -3.25 -17.95
C LEU A 239 5.87 -3.21 -16.77
N MET A 240 6.42 -3.19 -15.56
CA MET A 240 5.59 -3.14 -14.37
C MET A 240 5.07 -1.72 -14.18
N VAL A 241 3.90 -1.47 -14.75
CA VAL A 241 3.25 -0.17 -14.64
C VAL A 241 1.76 -0.39 -14.51
N ASP A 242 1.09 0.62 -14.00
CA ASP A 242 -0.36 0.56 -13.80
C ASP A 242 -0.80 -0.65 -12.98
N ASN A 243 -0.07 -0.92 -11.89
CA ASN A 243 -0.41 -2.02 -11.01
C ASN A 243 -1.34 -1.56 -9.87
N TRP A 244 -2.38 -0.82 -10.24
CA TRP A 244 -3.31 -0.27 -9.26
C TRP A 244 -4.70 -0.78 -9.59
N ARG A 245 -5.48 -1.07 -8.54
CA ARG A 245 -6.90 -1.34 -8.69
C ARG A 245 -7.67 -0.01 -8.59
N PRO A 246 -8.62 0.22 -9.53
CA PRO A 246 -9.49 1.40 -9.42
C PRO A 246 -10.44 1.39 -8.20
N ALA A 247 -10.96 2.59 -7.91
CA ALA A 247 -11.92 2.83 -6.83
C ALA A 247 -13.17 1.98 -6.96
N GLN A 248 -13.60 1.44 -5.82
CA GLN A 248 -14.69 0.50 -5.69
C GLN A 248 -15.84 1.16 -4.92
N PRO A 249 -17.08 0.63 -5.07
CA PRO A 249 -18.25 1.20 -4.40
C PRO A 249 -18.07 1.26 -2.89
N LEU A 250 -18.42 2.41 -2.32
CA LEU A 250 -18.30 2.65 -0.87
C LEU A 250 -19.30 1.81 -0.07
N LYS A 251 -20.45 1.52 -0.69
CA LYS A 251 -21.55 0.73 -0.09
C LYS A 251 -21.98 1.24 1.28
N ASN A 252 -22.24 2.55 1.35
CA ASN A 252 -22.43 3.23 2.63
C ASN A 252 -21.56 2.68 3.80
N ARG A 253 -20.26 2.69 3.60
CA ARG A 253 -19.34 2.74 4.70
C ARG A 253 -19.19 4.23 4.96
N GLN A 254 -18.49 4.57 6.04
CA GLN A 254 -18.32 5.96 6.41
C GLN A 254 -16.83 6.24 6.49
N ILE A 255 -16.35 7.21 5.71
CA ILE A 255 -14.98 7.68 5.84
C ILE A 255 -14.89 8.77 6.93
N LYS A 256 -14.01 8.56 7.89
CA LYS A 256 -13.82 9.54 8.94
C LYS A 256 -12.54 10.34 8.73
N ALA A 257 -12.59 11.64 9.02
CA ALA A 257 -11.40 12.50 9.02
C ALA A 257 -10.84 12.66 10.43
N SER A 258 -9.51 12.62 10.53
CA SER A 258 -8.82 12.84 11.81
C SER A 258 -8.65 14.33 12.14
N PHE A 259 -9.01 15.18 11.19
CA PHE A 259 -8.74 16.63 11.26
C PHE A 259 -10.02 17.42 10.98
ZN ZN B . -1.22 -2.15 -1.81
HG HG C . -11.11 -10.56 7.16
HG HG D . 1.83 -11.40 -8.42
CAA TE1 E . 0.77 -9.81 -2.28
OAB TE1 E . 4.01 -9.55 0.33
OAC TE1 E . 1.12 -8.89 3.30
CAD TE1 E . 0.67 -8.53 4.49
CAE TE1 E . 2.14 -7.69 -2.28
CAF TE1 E . 1.95 -9.04 -1.56
CAG TE1 E . 1.71 -8.87 -0.02
CAH TE1 E . 2.97 -8.99 0.96
CAI TE1 E . 2.93 -9.93 2.17
CAJ TE1 E . 2.06 -9.85 3.25
CAK TE1 E . 2.17 -10.77 4.24
OAL TE1 E . 5.66 -11.99 0.14
OAM TE1 E . 7.08 -13.46 0.26
CAN TE1 E . 6.21 -12.87 0.81
CAO TE1 E . 3.85 -10.96 2.15
CAP TE1 E . 3.95 -11.90 3.13
CAQ TE1 E . 3.09 -11.78 4.16
OAR TE1 E . 3.18 -12.71 5.10
CAS TE1 E . 5.77 -13.37 2.06
CAT TE1 E . 4.92 -12.94 3.12
C BEZ F . -17.08 -11.80 9.59
O1 BEZ F . -17.97 -10.94 9.56
O2 BEZ F . -17.25 -12.91 10.15
C1 BEZ F . -15.76 -11.51 8.93
C2 BEZ F . -15.58 -10.27 8.29
C3 BEZ F . -14.37 -9.97 7.67
C4 BEZ F . -13.36 -10.93 7.70
C5 BEZ F . -13.53 -12.17 8.33
C6 BEZ F . -14.74 -12.45 8.95
#